data_3AVN
#
_entry.id   3AVN
#
_cell.length_a   70.568
_cell.length_b   70.568
_cell.length_c   67.475
_cell.angle_alpha   90.000
_cell.angle_beta   90.000
_cell.angle_gamma   120.000
#
_symmetry.space_group_name_H-M   'P 31'
#
loop_
_entity.id
_entity.type
_entity.pdbx_description
1 polymer Integrase
2 polymer 'LEDGF peptide'
3 non-polymer 'SULFATE ION'
4 non-polymer 'CHLORIDE ION'
5 non-polymer 'ACETIC ACID'
6 water water
#
loop_
_entity_poly.entity_id
_entity_poly.type
_entity_poly.pdbx_seq_one_letter_code
_entity_poly.pdbx_strand_id
1 'polypeptide(L)'
;MGSSHHHHHHSSGLVPRGSHMHGQVDSSPGIWQLDCTHLEGKVILVAVHVASGYIEAEVIPAETGQETAYFLLKLAGRWP
VKTVHTDNGSNFTSTTVKAACWWAGIKQEDGIPYNPQSQGVIESMNKELKKIIGQVRDQAEHLKTAVQMAVFIHNHKRKG
GIGGYSAGERIVDIIATDIQTKE
;
A,B
2 'polypeptide(L)' SHKIDNLD G,H
#
loop_
_chem_comp.id
_chem_comp.type
_chem_comp.name
_chem_comp.formula
ACY non-polymer 'ACETIC ACID' 'C2 H4 O2'
CL non-polymer 'CHLORIDE ION' 'Cl -1'
SO4 non-polymer 'SULFATE ION' 'O4 S -2'
#
# COMPACT_ATOMS: atom_id res chain seq x y z
N SER A 28 -14.50 -3.48 -14.86
CA SER A 28 -14.81 -2.47 -13.76
C SER A 28 -14.29 -2.76 -12.30
N PRO A 29 -14.27 -4.03 -11.84
CA PRO A 29 -13.46 -4.20 -10.63
C PRO A 29 -11.96 -3.89 -10.77
N GLY A 30 -11.41 -3.99 -11.99
CA GLY A 30 -9.94 -3.77 -12.21
C GLY A 30 -9.51 -2.35 -12.67
N ILE A 31 -10.42 -1.37 -12.69
CA ILE A 31 -10.12 -0.04 -13.26
C ILE A 31 -9.79 1.06 -12.25
N TRP A 32 -8.65 1.70 -12.45
CA TRP A 32 -8.18 2.73 -11.57
C TRP A 32 -7.84 4.00 -12.39
N GLN A 33 -7.89 5.15 -11.70
CA GLN A 33 -7.61 6.45 -12.31
CA GLN A 33 -7.57 6.42 -12.33
C GLN A 33 -6.52 7.14 -11.50
N LEU A 34 -5.46 7.61 -12.16
CA LEU A 34 -4.40 8.32 -11.42
C LEU A 34 -4.81 9.76 -11.36
N ASP A 35 -4.33 10.46 -10.33
CA ASP A 35 -4.71 11.86 -10.12
C ASP A 35 -3.58 12.55 -9.38
N CYS A 36 -3.22 13.77 -9.78
CA CYS A 36 -2.05 14.43 -9.20
C CYS A 36 -2.54 15.78 -8.71
N THR A 37 -2.26 16.12 -7.47
CA THR A 37 -2.68 17.42 -6.95
C THR A 37 -1.49 18.04 -6.18
N HIS A 38 -1.50 19.34 -5.85
CA HIS A 38 -0.29 19.97 -5.24
C HIS A 38 -0.63 20.61 -3.91
N LEU A 39 0.32 20.61 -2.99
CA LEU A 39 0.11 21.28 -1.73
C LEU A 39 1.44 21.54 -1.12
N GLU A 40 1.57 22.71 -0.47
CA GLU A 40 2.84 23.08 0.23
C GLU A 40 4.07 22.87 -0.63
N GLY A 41 3.98 23.18 -1.94
CA GLY A 41 5.15 23.03 -2.81
C GLY A 41 5.52 21.60 -3.17
N LYS A 42 4.66 20.64 -2.86
CA LYS A 42 4.95 19.24 -3.23
C LYS A 42 3.77 18.63 -3.97
N VAL A 43 3.94 17.38 -4.37
CA VAL A 43 2.99 16.72 -5.23
C VAL A 43 2.39 15.52 -4.48
N ILE A 44 1.09 15.34 -4.59
CA ILE A 44 0.40 14.23 -3.97
C ILE A 44 -0.13 13.42 -5.16
N LEU A 45 0.37 12.20 -5.28
CA LEU A 45 -0.06 11.30 -6.35
C LEU A 45 -1.10 10.38 -5.74
N VAL A 46 -2.26 10.25 -6.41
CA VAL A 46 -3.41 9.52 -5.92
C VAL A 46 -3.84 8.49 -6.98
N ALA A 47 -4.17 7.28 -6.57
CA ALA A 47 -4.85 6.35 -7.45
C ALA A 47 -6.26 6.14 -6.92
N VAL A 48 -7.27 6.35 -7.77
CA VAL A 48 -8.68 6.10 -7.40
C VAL A 48 -9.19 4.80 -8.06
N HIS A 49 -9.70 3.88 -7.24
CA HIS A 49 -10.48 2.77 -7.75
C HIS A 49 -11.89 3.29 -8.10
N VAL A 50 -12.15 3.36 -9.40
CA VAL A 50 -13.31 4.11 -9.97
C VAL A 50 -14.63 3.62 -9.41
N ALA A 51 -14.85 2.32 -9.36
CA ALA A 51 -16.19 1.89 -9.01
C ALA A 51 -16.49 2.06 -7.50
N SER A 52 -15.48 2.21 -6.64
CA SER A 52 -15.76 2.30 -5.21
C SER A 52 -15.43 3.67 -4.61
N GLY A 53 -14.60 4.48 -5.28
CA GLY A 53 -14.10 5.70 -4.63
C GLY A 53 -12.90 5.49 -3.65
N TYR A 54 -12.44 4.25 -3.53
CA TYR A 54 -11.31 3.94 -2.57
C TYR A 54 -10.02 4.55 -3.12
N ILE A 55 -9.10 5.00 -2.28
CA ILE A 55 -7.85 5.56 -2.81
C ILE A 55 -6.57 5.04 -2.14
N GLU A 56 -5.44 5.15 -2.87
CA GLU A 56 -4.07 5.10 -2.27
C GLU A 56 -3.40 6.38 -2.68
N ALA A 57 -2.43 6.85 -1.91
CA ALA A 57 -1.76 8.09 -2.30
C ALA A 57 -0.37 8.12 -1.68
N GLU A 58 0.51 8.95 -2.27
CA GLU A 58 1.85 9.21 -1.73
CA GLU A 58 1.83 9.21 -1.70
C GLU A 58 2.24 10.67 -1.96
N VAL A 59 3.21 11.17 -1.18
CA VAL A 59 3.79 12.48 -1.39
C VAL A 59 5.15 12.29 -2.09
N ILE A 60 5.43 13.03 -3.17
CA ILE A 60 6.72 12.98 -3.93
C ILE A 60 7.20 14.42 -4.18
N PRO A 61 8.52 14.64 -4.40
CA PRO A 61 8.90 16.06 -4.54
C PRO A 61 8.44 16.65 -5.89
N ALA A 62 8.37 15.80 -6.91
CA ALA A 62 7.84 16.20 -8.21
C ALA A 62 7.31 14.99 -8.95
N GLU A 63 6.39 15.19 -9.89
CA GLU A 63 5.83 14.04 -10.57
C GLU A 63 6.79 13.69 -11.69
N THR A 64 7.42 12.53 -11.65
CA THR A 64 8.27 12.08 -12.73
C THR A 64 7.75 10.73 -13.17
N GLY A 65 8.18 10.30 -14.38
CA GLY A 65 7.89 8.96 -14.91
C GLY A 65 8.37 7.87 -13.96
N GLN A 66 9.60 7.99 -13.43
CA GLN A 66 10.08 7.00 -12.46
C GLN A 66 9.25 6.91 -11.16
N GLU A 67 8.84 8.04 -10.60
CA GLU A 67 8.02 8.03 -9.36
C GLU A 67 6.66 7.47 -9.67
N THR A 68 6.08 7.89 -10.82
CA THR A 68 4.79 7.30 -11.23
C THR A 68 4.83 5.74 -11.42
N ALA A 69 5.89 5.27 -12.09
CA ALA A 69 6.03 3.86 -12.42
C ALA A 69 6.17 3.04 -11.13
N TYR A 70 6.97 3.55 -10.18
CA TYR A 70 7.15 2.86 -8.88
C TYR A 70 5.82 2.80 -8.10
N PHE A 71 5.11 3.93 -8.04
CA PHE A 71 3.76 3.96 -7.39
C PHE A 71 2.81 2.90 -8.02
N LEU A 72 2.81 2.79 -9.35
CA LEU A 72 1.92 1.78 -10.00
C LEU A 72 2.35 0.32 -9.70
N LEU A 73 3.68 0.09 -9.62
CA LEU A 73 4.17 -1.24 -9.27
C LEU A 73 3.70 -1.59 -7.83
N LYS A 74 3.83 -0.64 -6.88
CA LYS A 74 3.30 -0.88 -5.52
CA LYS A 74 3.31 -0.89 -5.52
C LYS A 74 1.80 -1.18 -5.55
N LEU A 75 1.02 -0.30 -6.20
CA LEU A 75 -0.45 -0.50 -6.28
C LEU A 75 -0.84 -1.90 -6.84
N ALA A 76 -0.29 -2.23 -7.99
CA ALA A 76 -0.60 -3.56 -8.63
C ALA A 76 -0.15 -4.84 -7.86
N GLY A 77 0.90 -4.75 -7.03
CA GLY A 77 1.21 -5.86 -6.09
C GLY A 77 0.16 -5.99 -4.97
N ARG A 78 -0.65 -4.93 -4.71
CA ARG A 78 -1.61 -4.94 -3.56
C ARG A 78 -3.07 -5.19 -3.92
N TRP A 79 -3.49 -4.78 -5.13
CA TRP A 79 -4.87 -4.98 -5.63
C TRP A 79 -4.75 -5.51 -7.03
N PRO A 80 -5.81 -6.14 -7.52
CA PRO A 80 -5.70 -6.68 -8.90
C PRO A 80 -6.00 -5.58 -9.94
N VAL A 81 -4.99 -4.83 -10.38
CA VAL A 81 -5.14 -3.67 -11.24
C VAL A 81 -5.17 -4.20 -12.71
N LYS A 82 -6.29 -4.05 -13.40
CA LYS A 82 -6.35 -4.50 -14.80
C LYS A 82 -6.01 -3.29 -15.75
N THR A 83 -6.55 -2.12 -15.43
CA THR A 83 -6.40 -0.92 -16.27
C THR A 83 -6.11 0.33 -15.45
N VAL A 84 -5.23 1.19 -15.94
CA VAL A 84 -4.97 2.48 -15.29
CA VAL A 84 -4.95 2.46 -15.29
C VAL A 84 -5.14 3.56 -16.31
N HIS A 85 -6.04 4.48 -15.99
CA HIS A 85 -6.14 5.74 -16.77
C HIS A 85 -5.17 6.72 -16.20
N THR A 86 -4.18 7.09 -17.01
CA THR A 86 -3.10 7.97 -16.51
CA THR A 86 -3.11 7.94 -16.51
C THR A 86 -3.69 9.36 -16.28
N ASP A 87 -3.01 10.16 -15.43
CA ASP A 87 -3.52 11.50 -15.06
C ASP A 87 -3.20 12.60 -16.05
N ASN A 88 -2.20 12.39 -16.92
CA ASN A 88 -1.83 13.43 -17.96
C ASN A 88 -1.09 12.75 -19.08
N GLY A 89 -0.74 13.51 -20.13
CA GLY A 89 -0.14 12.92 -21.36
C GLY A 89 1.32 12.61 -21.14
N SER A 90 2.01 13.29 -20.23
CA SER A 90 3.45 12.98 -19.92
C SER A 90 3.58 11.54 -19.30
N ASN A 91 2.76 11.20 -18.29
CA ASN A 91 2.77 9.79 -17.74
C ASN A 91 2.25 8.78 -18.73
N PHE A 92 1.32 9.18 -19.60
CA PHE A 92 0.89 8.28 -20.65
C PHE A 92 2.04 7.96 -21.62
N THR A 93 2.81 9.00 -21.95
CA THR A 93 3.85 8.92 -22.91
C THR A 93 5.11 8.14 -22.36
N SER A 94 5.43 8.40 -21.10
CA SER A 94 6.66 8.01 -20.42
C SER A 94 6.97 6.52 -20.62
N THR A 95 8.14 6.24 -21.18
N THR A 95 8.14 6.23 -21.19
CA THR A 95 8.51 4.86 -21.46
CA THR A 95 8.51 4.82 -21.46
C THR A 95 8.71 4.07 -20.14
C THR A 95 8.72 4.05 -20.13
N THR A 96 9.19 4.76 -19.09
CA THR A 96 9.26 4.19 -17.74
C THR A 96 7.91 3.77 -17.19
N VAL A 97 6.91 4.64 -17.31
CA VAL A 97 5.57 4.26 -16.85
C VAL A 97 5.10 3.03 -17.67
N LYS A 98 5.29 3.07 -18.99
CA LYS A 98 4.87 1.92 -19.83
C LYS A 98 5.56 0.59 -19.46
N ALA A 99 6.85 0.69 -19.07
CA ALA A 99 7.64 -0.48 -18.63
C ALA A 99 7.10 -1.06 -17.34
N ALA A 100 6.68 -0.21 -16.38
CA ALA A 100 6.06 -0.72 -15.17
C ALA A 100 4.72 -1.37 -15.43
N CYS A 101 3.96 -0.81 -16.38
CA CYS A 101 2.62 -1.33 -16.67
C CYS A 101 2.81 -2.71 -17.36
N TRP A 102 3.86 -2.79 -18.18
CA TRP A 102 4.18 -4.05 -18.86
C TRP A 102 4.56 -5.07 -17.74
N TRP A 103 5.48 -4.69 -16.83
CA TRP A 103 5.96 -5.64 -15.86
C TRP A 103 4.79 -6.21 -15.05
N ALA A 104 3.96 -5.26 -14.59
CA ALA A 104 2.85 -5.57 -13.65
C ALA A 104 1.56 -6.07 -14.34
N GLY A 105 1.58 -6.26 -15.66
CA GLY A 105 0.34 -6.72 -16.33
C GLY A 105 -0.79 -5.69 -16.39
N ILE A 106 -0.45 -4.39 -16.43
CA ILE A 106 -1.49 -3.35 -16.41
C ILE A 106 -1.68 -2.82 -17.82
N LYS A 107 -2.93 -2.75 -18.28
CA LYS A 107 -3.25 -2.04 -19.53
CA LYS A 107 -3.32 -2.03 -19.51
C LYS A 107 -3.19 -0.54 -19.26
N GLN A 108 -2.25 0.14 -19.90
CA GLN A 108 -2.16 1.60 -19.71
C GLN A 108 -3.08 2.37 -20.65
N GLU A 109 -3.97 3.24 -20.13
CA GLU A 109 -4.92 4.01 -20.96
C GLU A 109 -4.77 5.55 -20.72
N ASP A 110 -5.33 6.34 -21.63
CA ASP A 110 -5.40 7.78 -21.45
C ASP A 110 -6.49 8.14 -20.43
N GLY A 111 -6.67 9.42 -20.18
CA GLY A 111 -7.55 9.80 -19.07
C GLY A 111 -8.62 10.73 -19.56
N ILE A 112 -8.92 10.67 -20.86
CA ILE A 112 -9.86 11.63 -21.46
CA ILE A 112 -9.88 11.66 -21.41
C ILE A 112 -11.25 11.49 -20.79
N PRO A 113 -11.85 12.60 -20.32
CA PRO A 113 -13.15 12.36 -19.71
C PRO A 113 -14.28 12.36 -20.76
N TYR A 114 -14.40 11.29 -21.55
CA TYR A 114 -15.52 11.14 -22.48
C TYR A 114 -16.84 11.26 -21.74
N ASN A 115 -16.82 10.89 -20.44
CA ASN A 115 -17.90 11.18 -19.54
C ASN A 115 -17.49 12.37 -18.69
N PRO A 116 -18.12 13.54 -18.98
CA PRO A 116 -17.67 14.74 -18.31
C PRO A 116 -17.84 14.62 -16.79
N GLN A 117 -18.69 13.68 -16.30
CA GLN A 117 -18.76 13.44 -14.82
C GLN A 117 -17.41 13.04 -14.12
N SER A 118 -16.47 12.49 -14.89
CA SER A 118 -15.13 12.13 -14.40
C SER A 118 -14.35 13.35 -13.94
N GLN A 119 -14.24 14.38 -14.78
CA GLN A 119 -13.59 15.64 -14.34
C GLN A 119 -14.12 16.09 -12.97
N GLY A 120 -15.44 16.26 -12.87
CA GLY A 120 -16.08 16.83 -11.66
C GLY A 120 -15.89 15.96 -10.40
N VAL A 121 -15.97 14.62 -10.55
CA VAL A 121 -15.73 13.69 -9.41
C VAL A 121 -14.26 13.83 -8.90
N ILE A 122 -13.29 13.84 -9.81
CA ILE A 122 -11.91 14.09 -9.43
C ILE A 122 -11.67 15.47 -8.75
N GLU A 123 -12.12 16.57 -9.36
CA GLU A 123 -11.96 17.90 -8.76
C GLU A 123 -12.59 17.89 -7.33
N SER A 124 -13.77 17.28 -7.17
CA SER A 124 -14.43 17.23 -5.86
C SER A 124 -13.60 16.38 -4.92
N MET A 125 -13.08 15.26 -5.39
N MET A 125 -13.07 15.27 -5.44
CA MET A 125 -12.23 14.47 -4.49
CA MET A 125 -12.18 14.41 -4.64
C MET A 125 -10.97 15.20 -4.03
C MET A 125 -10.99 15.17 -4.07
N ASN A 126 -10.29 15.93 -4.92
CA ASN A 126 -9.11 16.71 -4.52
C ASN A 126 -9.40 17.77 -3.42
N LYS A 127 -10.53 18.47 -3.59
CA LYS A 127 -10.99 19.47 -2.58
C LYS A 127 -11.34 18.79 -1.27
N GLU A 128 -12.02 17.63 -1.31
CA GLU A 128 -12.26 16.84 -0.06
C GLU A 128 -10.93 16.40 0.62
N LEU A 129 -9.98 15.87 -0.16
CA LEU A 129 -8.69 15.44 0.44
C LEU A 129 -7.97 16.61 1.09
N LYS A 130 -7.90 17.73 0.37
CA LYS A 130 -7.27 18.93 0.96
C LYS A 130 -7.96 19.47 2.18
N LYS A 131 -9.28 19.39 2.17
CA LYS A 131 -9.99 19.77 3.39
C LYS A 131 -9.55 18.80 4.56
N ILE A 132 -9.56 17.50 4.34
CA ILE A 132 -9.18 16.55 5.42
C ILE A 132 -7.72 16.84 5.84
N ILE A 133 -6.84 17.08 4.86
CA ILE A 133 -5.43 17.30 5.20
C ILE A 133 -5.33 18.52 6.14
N GLY A 134 -6.10 19.58 5.85
CA GLY A 134 -6.05 20.77 6.69
C GLY A 134 -6.62 20.50 8.07
N GLN A 135 -7.67 19.66 8.20
CA GLN A 135 -8.16 19.31 9.53
C GLN A 135 -7.14 18.47 10.36
N VAL A 136 -6.21 17.77 9.70
CA VAL A 136 -5.25 16.92 10.50
C VAL A 136 -3.90 17.57 10.54
N ARG A 137 -3.74 18.62 9.73
CA ARG A 137 -2.39 19.11 9.44
C ARG A 137 -1.51 19.39 10.66
N ASP A 138 -2.11 19.89 11.73
CA ASP A 138 -1.31 20.26 12.90
C ASP A 138 -1.02 19.05 13.88
N GLN A 139 -1.61 17.90 13.62
CA GLN A 139 -1.20 16.65 14.32
C GLN A 139 0.07 16.02 13.73
N ALA A 140 0.58 16.53 12.60
CA ALA A 140 1.73 15.89 11.93
C ALA A 140 2.85 16.88 11.64
N GLU A 141 4.11 16.52 11.92
CA GLU A 141 5.22 17.33 11.47
C GLU A 141 5.34 17.28 9.94
N HIS A 142 5.34 16.09 9.32
CA HIS A 142 5.54 16.01 7.85
C HIS A 142 4.25 15.89 7.10
N LEU A 143 4.16 16.58 5.96
CA LEU A 143 3.03 16.36 5.06
C LEU A 143 2.71 14.88 4.77
N LYS A 144 3.73 14.01 4.61
CA LYS A 144 3.42 12.63 4.21
C LYS A 144 2.57 11.92 5.28
N THR A 145 2.79 12.20 6.57
CA THR A 145 1.85 11.70 7.59
C THR A 145 0.42 12.23 7.51
N ALA A 146 0.28 13.55 7.29
CA ALA A 146 -1.05 14.16 7.13
C ALA A 146 -1.76 13.52 5.93
N VAL A 147 -1.02 13.27 4.84
CA VAL A 147 -1.66 12.62 3.65
C VAL A 147 -2.18 11.17 3.92
N GLN A 148 -1.35 10.35 4.57
CA GLN A 148 -1.79 8.99 4.98
C GLN A 148 -2.94 9.04 5.93
N MET A 149 -2.97 10.05 6.84
CA MET A 149 -4.10 10.21 7.75
C MET A 149 -5.35 10.53 6.92
N ALA A 150 -5.19 11.34 5.86
CA ALA A 150 -6.38 11.66 4.99
C ALA A 150 -6.85 10.48 4.15
N VAL A 151 -5.91 9.67 3.63
CA VAL A 151 -6.27 8.38 2.97
C VAL A 151 -7.14 7.55 3.96
N PHE A 152 -6.68 7.44 5.20
CA PHE A 152 -7.34 6.55 6.18
C PHE A 152 -8.80 7.07 6.37
N ILE A 153 -8.94 8.36 6.63
CA ILE A 153 -10.28 8.96 6.88
C ILE A 153 -11.14 8.83 5.64
N HIS A 154 -10.61 9.17 4.45
CA HIS A 154 -11.43 9.00 3.22
C HIS A 154 -11.99 7.56 3.02
N ASN A 155 -11.08 6.56 3.13
CA ASN A 155 -11.43 5.16 2.89
C ASN A 155 -12.35 4.56 3.95
N HIS A 156 -12.27 5.08 5.20
CA HIS A 156 -13.17 4.56 6.28
C HIS A 156 -14.54 5.31 6.39
N LYS A 157 -14.65 6.45 5.72
CA LYS A 157 -15.86 7.30 5.90
C LYS A 157 -17.11 6.62 5.36
N ARG A 158 -18.15 6.50 6.17
CA ARG A 158 -19.35 5.86 5.68
C ARG A 158 -20.25 6.88 4.96
N LYS A 159 -20.72 6.50 3.77
CA LYS A 159 -21.52 7.39 2.94
C LYS A 159 -22.96 6.92 2.83
N GLY A 164 -25.19 2.25 5.11
CA GLY A 164 -24.03 3.12 4.87
C GLY A 164 -22.68 2.43 4.81
N TYR A 165 -22.19 2.21 3.59
CA TYR A 165 -20.86 1.58 3.37
C TYR A 165 -19.67 2.58 3.16
N SER A 166 -18.47 2.17 3.56
CA SER A 166 -17.28 2.94 3.27
C SER A 166 -16.72 2.53 1.89
N ALA A 167 -15.85 3.39 1.35
CA ALA A 167 -15.11 2.97 0.12
C ALA A 167 -14.25 1.73 0.33
N GLY A 168 -13.56 1.57 1.50
CA GLY A 168 -12.86 0.29 1.83
C GLY A 168 -13.74 -0.95 1.77
N GLU A 169 -14.99 -0.80 2.24
CA GLU A 169 -15.95 -1.92 2.15
C GLU A 169 -16.36 -2.16 0.73
N ARG A 170 -16.63 -1.09 0.00
CA ARG A 170 -17.12 -1.24 -1.35
C ARG A 170 -16.06 -1.90 -2.20
N ILE A 171 -14.77 -1.55 -2.04
CA ILE A 171 -13.76 -2.17 -3.01
C ILE A 171 -13.64 -3.67 -2.78
N VAL A 172 -13.55 -4.09 -1.52
CA VAL A 172 -13.50 -5.55 -1.15
C VAL A 172 -14.71 -6.35 -1.66
N ASP A 173 -15.91 -5.78 -1.52
CA ASP A 173 -17.14 -6.42 -2.01
CA ASP A 173 -17.12 -6.44 -2.01
C ASP A 173 -17.17 -6.54 -3.53
N ILE A 174 -16.83 -5.46 -4.23
CA ILE A 174 -16.79 -5.48 -5.67
C ILE A 174 -15.84 -6.54 -6.17
N ILE A 175 -14.62 -6.55 -5.64
CA ILE A 175 -13.63 -7.52 -6.08
C ILE A 175 -13.98 -8.95 -5.67
N ALA A 176 -14.53 -9.16 -4.45
CA ALA A 176 -14.90 -10.53 -4.03
C ALA A 176 -16.03 -11.05 -4.93
N THR A 177 -16.98 -10.19 -5.32
CA THR A 177 -18.09 -10.60 -6.20
C THR A 177 -17.54 -11.09 -7.53
N ASP A 178 -16.58 -10.34 -8.05
CA ASP A 178 -15.95 -10.67 -9.27
C ASP A 178 -15.07 -11.95 -9.18
N ILE A 179 -14.44 -12.19 -8.04
CA ILE A 179 -13.61 -13.40 -7.90
C ILE A 179 -14.50 -14.63 -7.93
N GLN A 180 -15.69 -14.53 -7.36
CA GLN A 180 -16.62 -15.64 -7.24
C GLN A 180 -17.28 -16.02 -8.59
N SER B 28 -9.96 -12.42 13.33
CA SER B 28 -9.09 -13.09 12.27
C SER B 28 -9.07 -12.49 10.83
N PRO B 29 -10.19 -11.95 10.32
CA PRO B 29 -10.01 -11.05 9.17
C PRO B 29 -9.14 -9.81 9.46
N GLY B 30 -9.08 -9.36 10.73
CA GLY B 30 -8.39 -8.11 11.10
C GLY B 30 -6.95 -8.24 11.66
N ILE B 31 -6.38 -9.47 11.68
CA ILE B 31 -5.09 -9.74 12.35
C ILE B 31 -3.90 -9.80 11.38
N TRP B 32 -2.87 -9.03 11.72
CA TRP B 32 -1.66 -8.94 10.93
C TRP B 32 -0.46 -9.17 11.87
N GLN B 33 0.66 -9.62 11.25
CA GLN B 33 1.93 -9.89 11.93
CA GLN B 33 1.91 -9.84 11.95
C GLN B 33 3.04 -9.09 11.27
N LEU B 34 3.78 -8.29 12.02
CA LEU B 34 4.92 -7.57 11.42
C LEU B 34 6.09 -8.48 11.37
N ASP B 35 7.01 -8.22 10.44
CA ASP B 35 8.18 -9.12 10.24
C ASP B 35 9.29 -8.29 9.65
N CYS B 36 10.52 -8.43 10.16
CA CYS B 36 11.61 -7.56 9.73
C CYS B 36 12.73 -8.48 9.26
N THR B 37 13.29 -8.25 8.10
CA THR B 37 14.36 -9.15 7.60
C THR B 37 15.44 -8.25 6.92
N HIS B 38 16.66 -8.74 6.69
CA HIS B 38 17.75 -7.87 6.20
C HIS B 38 18.34 -8.36 4.91
N LEU B 39 18.79 -7.44 4.06
CA LEU B 39 19.38 -7.80 2.78
C LEU B 39 20.16 -6.61 2.30
N GLU B 40 21.37 -6.83 1.74
CA GLU B 40 22.19 -5.73 1.17
C GLU B 40 22.38 -4.56 2.12
N GLY B 41 22.49 -4.85 3.42
CA GLY B 41 22.75 -3.80 4.42
C GLY B 41 21.52 -2.98 4.78
N LYS B 42 20.38 -3.38 4.24
CA LYS B 42 19.16 -2.61 4.55
C LYS B 42 18.13 -3.52 5.17
N VAL B 43 17.01 -2.93 5.56
CA VAL B 43 15.98 -3.59 6.29
C VAL B 43 14.71 -3.63 5.41
N ILE B 44 14.04 -4.77 5.37
CA ILE B 44 12.79 -4.96 4.67
C ILE B 44 11.75 -5.20 5.76
N LEU B 45 10.79 -4.28 5.89
CA LEU B 45 9.73 -4.44 6.88
C LEU B 45 8.52 -4.98 6.10
N VAL B 46 7.89 -6.04 6.63
CA VAL B 46 6.81 -6.78 6.01
C VAL B 46 5.67 -6.85 7.02
N ALA B 47 4.43 -6.72 6.54
CA ALA B 47 3.26 -7.03 7.35
C ALA B 47 2.58 -8.18 6.65
N VAL B 48 2.29 -9.24 7.42
CA VAL B 48 1.59 -10.45 6.91
C VAL B 48 0.16 -10.48 7.44
N HIS B 49 -0.84 -10.53 6.56
CA HIS B 49 -2.18 -10.88 6.94
C HIS B 49 -2.25 -12.42 7.21
N VAL B 50 -2.32 -12.74 8.48
CA VAL B 50 -2.09 -14.11 9.01
C VAL B 50 -2.98 -15.14 8.33
N ALA B 51 -4.26 -14.85 8.20
CA ALA B 51 -5.17 -15.88 7.70
C ALA B 51 -5.02 -16.13 6.19
N SER B 52 -4.48 -15.18 5.41
CA SER B 52 -4.37 -15.37 3.95
C SER B 52 -2.94 -15.60 3.47
N GLY B 53 -1.92 -15.17 4.24
CA GLY B 53 -0.51 -15.13 3.71
C GLY B 53 -0.22 -13.90 2.82
N TYR B 54 -1.20 -13.01 2.68
CA TYR B 54 -0.97 -11.75 1.85
C TYR B 54 0.00 -10.81 2.53
N ILE B 55 0.83 -10.09 1.76
CA ILE B 55 1.79 -9.19 2.37
C ILE B 55 1.85 -7.77 1.76
N GLU B 56 2.33 -6.81 2.58
CA GLU B 56 2.80 -5.47 2.17
C GLU B 56 4.25 -5.38 2.68
N ALA B 57 5.13 -4.65 1.99
CA ALA B 57 6.50 -4.56 2.48
C ALA B 57 7.07 -3.23 2.01
N GLU B 58 8.14 -2.77 2.71
CA GLU B 58 8.90 -1.58 2.30
CA GLU B 58 8.90 -1.59 2.29
C GLU B 58 10.39 -1.77 2.63
N VAL B 59 11.28 -1.06 1.93
CA VAL B 59 12.68 -1.02 2.27
C VAL B 59 12.91 0.30 3.06
N ILE B 60 13.55 0.19 4.23
CA ILE B 60 13.99 1.35 5.08
C ILE B 60 15.48 1.27 5.43
N PRO B 61 16.13 2.39 5.73
CA PRO B 61 17.57 2.24 6.05
C PRO B 61 17.81 1.45 7.36
N ALA B 62 16.93 1.63 8.34
CA ALA B 62 17.02 0.94 9.63
C ALA B 62 15.65 0.88 10.24
N GLU B 63 15.38 -0.09 11.12
CA GLU B 63 14.04 -0.22 11.69
C GLU B 63 13.97 0.71 12.92
N THR B 64 13.20 1.77 12.86
CA THR B 64 13.04 2.69 13.98
C THR B 64 11.57 2.70 14.28
N GLY B 65 11.18 3.17 15.49
CA GLY B 65 9.76 3.31 15.84
C GLY B 65 9.07 4.29 14.90
N GLN B 66 9.73 5.40 14.54
CA GLN B 66 9.10 6.29 13.53
C GLN B 66 8.79 5.60 12.19
N GLU B 67 9.73 4.83 11.66
CA GLU B 67 9.48 4.17 10.36
C GLU B 67 8.42 3.15 10.50
N THR B 68 8.47 2.39 11.62
CA THR B 68 7.43 1.37 11.85
C THR B 68 6.00 1.95 11.98
N ALA B 69 5.90 3.07 12.68
CA ALA B 69 4.63 3.72 12.98
C ALA B 69 4.03 4.24 11.66
N TYR B 70 4.86 4.82 10.79
CA TYR B 70 4.37 5.37 9.49
C TYR B 70 3.88 4.22 8.58
N PHE B 71 4.63 3.11 8.57
CA PHE B 71 4.25 1.95 7.79
C PHE B 71 2.90 1.39 8.29
N LEU B 72 2.66 1.34 9.62
CA LEU B 72 1.38 0.87 10.10
C LEU B 72 0.21 1.83 9.76
N LEU B 73 0.47 3.15 9.81
CA LEU B 73 -0.56 4.11 9.42
C LEU B 73 -0.94 3.88 7.92
N LYS B 74 0.06 3.68 7.05
CA LYS B 74 -0.22 3.37 5.62
CA LYS B 74 -0.23 3.38 5.64
C LYS B 74 -1.07 2.08 5.55
N LEU B 75 -0.61 1.02 6.23
CA LEU B 75 -1.34 -0.28 6.13
C LEU B 75 -2.81 -0.14 6.56
N ALA B 76 -3.03 0.45 7.75
CA ALA B 76 -4.41 0.64 8.29
C ALA B 76 -5.35 1.55 7.46
N GLY B 77 -4.80 2.52 6.72
CA GLY B 77 -5.64 3.26 5.76
C GLY B 77 -6.04 2.43 4.56
N ARG B 78 -5.31 1.33 4.28
CA ARG B 78 -5.64 0.49 3.10
C ARG B 78 -6.45 -0.80 3.35
N TRP B 79 -6.29 -1.46 4.51
CA TRP B 79 -7.02 -2.67 4.91
C TRP B 79 -7.58 -2.45 6.30
N PRO B 80 -8.64 -3.20 6.66
CA PRO B 80 -9.21 -2.93 7.99
C PRO B 80 -8.42 -3.69 9.04
N VAL B 81 -7.35 -3.08 9.56
CA VAL B 81 -6.43 -3.71 10.48
C VAL B 81 -7.04 -3.61 11.92
N LYS B 82 -7.40 -4.72 12.52
CA LYS B 82 -7.87 -4.67 13.92
C LYS B 82 -6.74 -4.86 14.96
N THR B 83 -5.81 -5.77 14.68
CA THR B 83 -4.74 -6.12 15.57
C THR B 83 -3.42 -6.31 14.84
N VAL B 84 -2.33 -5.84 15.44
CA VAL B 84 -1.03 -6.01 14.86
CA VAL B 84 -1.02 -6.07 14.86
C VAL B 84 -0.17 -6.70 15.93
N HIS B 85 0.35 -7.88 15.61
CA HIS B 85 1.43 -8.50 16.41
C HIS B 85 2.74 -7.90 15.97
N THR B 86 3.42 -7.21 16.89
CA THR B 86 4.67 -6.53 16.52
CA THR B 86 4.65 -6.52 16.56
C THR B 86 5.78 -7.55 16.34
N ASP B 87 6.84 -7.15 15.59
CA ASP B 87 7.90 -8.11 15.25
C ASP B 87 8.97 -8.26 16.34
N ASN B 88 9.05 -7.32 17.29
CA ASN B 88 10.06 -7.47 18.39
C ASN B 88 9.63 -6.58 19.56
N GLY B 89 10.33 -6.66 20.69
CA GLY B 89 9.95 -5.90 21.89
C GLY B 89 10.19 -4.42 21.74
N SER B 90 11.19 -4.00 20.92
CA SER B 90 11.44 -2.55 20.72
C SER B 90 10.23 -1.79 20.06
N ASN B 91 9.69 -2.33 18.96
CA ASN B 91 8.45 -1.77 18.35
C ASN B 91 7.24 -1.97 19.25
N PHE B 92 7.22 -3.03 20.07
CA PHE B 92 6.11 -3.15 21.02
C PHE B 92 6.17 -2.01 22.06
N THR B 93 7.39 -1.71 22.50
CA THR B 93 7.60 -0.75 23.57
C THR B 93 7.44 0.71 23.04
N SER B 94 7.90 0.96 21.80
CA SER B 94 8.05 2.26 21.19
C SER B 94 6.77 3.13 21.36
N THR B 95 6.90 4.30 22.01
N THR B 95 6.90 4.29 22.02
CA THR B 95 5.73 5.17 22.20
CA THR B 95 5.72 5.19 22.21
C THR B 95 5.16 5.73 20.87
C THR B 95 5.16 5.72 20.86
N THR B 96 6.05 5.95 19.89
CA THR B 96 5.67 6.34 18.53
C THR B 96 4.86 5.26 17.85
N VAL B 97 5.27 3.99 17.95
CA VAL B 97 4.45 2.92 17.41
C VAL B 97 3.08 2.89 18.15
N LYS B 98 3.08 2.97 19.47
CA LYS B 98 1.80 2.94 20.16
C LYS B 98 0.88 4.14 19.75
N ALA B 99 1.49 5.33 19.50
CA ALA B 99 0.69 6.53 19.11
C ALA B 99 0.07 6.34 17.72
N ALA B 100 0.80 5.72 16.77
CA ALA B 100 0.17 5.36 15.46
C ALA B 100 -0.93 4.36 15.60
N CYS B 101 -0.74 3.35 16.48
CA CYS B 101 -1.79 2.34 16.65
C CYS B 101 -3.08 3.00 17.28
N TRP B 102 -2.85 3.92 18.22
CA TRP B 102 -3.94 4.70 18.84
C TRP B 102 -4.61 5.50 17.71
N TRP B 103 -3.81 6.21 16.92
CA TRP B 103 -4.41 7.06 15.88
C TRP B 103 -5.30 6.23 14.95
N ALA B 104 -4.73 5.11 14.47
CA ALA B 104 -5.38 4.29 13.43
C ALA B 104 -6.35 3.25 14.00
N GLY B 105 -6.59 3.29 15.32
CA GLY B 105 -7.54 2.30 15.90
C GLY B 105 -7.04 0.85 15.84
N ILE B 106 -5.74 0.64 16.00
CA ILE B 106 -5.21 -0.74 15.93
C ILE B 106 -4.91 -1.22 17.36
N LYS B 107 -5.33 -2.42 17.73
CA LYS B 107 -4.86 -3.12 18.96
CA LYS B 107 -4.83 -3.05 19.00
C LYS B 107 -3.40 -3.57 18.81
N GLN B 108 -2.46 -3.01 19.56
CA GLN B 108 -1.06 -3.45 19.39
C GLN B 108 -0.81 -4.60 20.37
N GLU B 109 -0.32 -5.74 19.90
CA GLU B 109 -0.04 -6.92 20.72
C GLU B 109 1.45 -7.38 20.55
N ASP B 110 1.91 -8.30 21.41
CA ASP B 110 3.28 -8.85 21.31
C ASP B 110 3.24 -9.92 20.21
N GLY B 111 4.39 -10.53 19.91
CA GLY B 111 4.46 -11.45 18.79
C GLY B 111 4.94 -12.81 19.25
N ILE B 112 4.62 -13.14 20.49
N ILE B 112 4.69 -13.14 20.52
CA ILE B 112 5.11 -14.40 21.10
CA ILE B 112 5.19 -14.41 21.05
C ILE B 112 4.50 -15.60 20.32
C ILE B 112 4.53 -15.59 20.32
N PRO B 113 5.35 -16.51 19.79
CA PRO B 113 4.78 -17.64 19.05
C PRO B 113 4.24 -18.74 20.00
N TYR B 114 3.19 -18.43 20.77
CA TYR B 114 2.53 -19.43 21.62
C TYR B 114 2.22 -20.68 20.81
N ASN B 115 1.91 -20.47 19.51
CA ASN B 115 1.90 -21.51 18.52
C ASN B 115 3.23 -21.50 17.78
N PRO B 116 4.07 -22.54 18.03
CA PRO B 116 5.40 -22.55 17.45
C PRO B 116 5.37 -22.61 15.92
N GLN B 117 4.23 -23.03 15.33
CA GLN B 117 4.11 -22.99 13.83
C GLN B 117 4.30 -21.59 13.19
N SER B 118 3.90 -20.54 13.92
CA SER B 118 4.13 -19.12 13.54
C SER B 118 5.57 -18.82 13.24
N GLN B 119 6.44 -19.07 14.22
CA GLN B 119 7.89 -19.02 13.95
C GLN B 119 8.30 -19.66 12.60
N GLY B 120 7.88 -20.92 12.37
CA GLY B 120 8.31 -21.67 11.16
C GLY B 120 7.76 -21.02 9.88
N VAL B 121 6.51 -20.55 9.92
CA VAL B 121 5.85 -19.91 8.77
C VAL B 121 6.58 -18.60 8.36
N ILE B 122 6.91 -17.76 9.34
N ILE B 122 6.90 -17.76 9.33
CA ILE B 122 7.61 -16.51 9.10
CA ILE B 122 7.59 -16.49 9.03
C ILE B 122 9.00 -16.72 8.46
C ILE B 122 9.00 -16.73 8.44
N GLU B 123 9.78 -17.61 9.06
CA GLU B 123 11.14 -17.94 8.54
C GLU B 123 11.04 -18.49 7.09
N SER B 124 10.01 -19.31 6.82
CA SER B 124 9.86 -19.88 5.47
C SER B 124 9.48 -18.73 4.56
N MET B 125 8.59 -17.87 5.02
N MET B 125 8.60 -17.87 5.06
CA MET B 125 8.24 -16.73 4.19
CA MET B 125 8.19 -16.65 4.35
C MET B 125 9.45 -15.84 3.89
C MET B 125 9.41 -15.82 3.93
N ASN B 126 10.28 -15.50 4.89
CA ASN B 126 11.51 -14.72 4.62
C ASN B 126 12.44 -15.31 3.51
N LYS B 127 12.68 -16.61 3.61
CA LYS B 127 13.51 -17.34 2.63
CA LYS B 127 13.49 -17.32 2.61
C LYS B 127 12.83 -17.32 1.24
N GLU B 128 11.52 -17.56 1.19
CA GLU B 128 10.80 -17.47 -0.10
C GLU B 128 10.97 -16.00 -0.68
N LEU B 129 10.86 -14.96 0.16
N LEU B 129 10.81 -14.98 0.17
CA LEU B 129 10.95 -13.59 -0.38
CA LEU B 129 10.94 -13.57 -0.26
C LEU B 129 12.33 -13.27 -0.91
C LEU B 129 12.31 -13.28 -0.86
N LYS B 130 13.34 -13.71 -0.15
CA LYS B 130 14.73 -13.55 -0.55
C LYS B 130 15.03 -14.30 -1.83
N LYS B 131 14.45 -15.47 -1.94
CA LYS B 131 14.58 -16.23 -3.21
C LYS B 131 14.01 -15.40 -4.42
N ILE B 132 12.77 -14.92 -4.28
CA ILE B 132 12.14 -14.14 -5.37
C ILE B 132 12.96 -12.90 -5.59
N ILE B 133 13.39 -12.22 -4.51
CA ILE B 133 14.16 -10.98 -4.71
C ILE B 133 15.41 -11.31 -5.57
N GLY B 134 16.06 -12.45 -5.27
CA GLY B 134 17.21 -12.90 -6.04
C GLY B 134 16.89 -13.21 -7.51
N GLN B 135 15.75 -13.84 -7.80
CA GLN B 135 15.34 -14.08 -9.18
C GLN B 135 15.05 -12.77 -9.97
N VAL B 136 14.79 -11.65 -9.28
CA VAL B 136 14.41 -10.39 -10.00
C VAL B 136 15.50 -9.37 -9.91
N ARG B 137 16.47 -9.63 -9.03
CA ARG B 137 17.39 -8.58 -8.63
C ARG B 137 18.05 -7.84 -9.78
N ASP B 138 18.44 -8.52 -10.85
CA ASP B 138 19.13 -7.82 -11.95
C ASP B 138 18.20 -7.03 -12.92
N GLN B 139 16.89 -7.13 -12.73
CA GLN B 139 15.92 -6.30 -13.50
C GLN B 139 15.75 -4.93 -12.88
N ALA B 140 16.25 -4.73 -11.66
CA ALA B 140 16.03 -3.45 -10.89
C ALA B 140 17.37 -2.85 -10.50
N GLU B 141 17.55 -1.53 -10.65
CA GLU B 141 18.70 -0.83 -10.10
C GLU B 141 18.59 -0.79 -8.56
N HIS B 142 17.41 -0.40 -8.01
CA HIS B 142 17.30 -0.20 -6.56
C HIS B 142 16.64 -1.39 -5.90
N LEU B 143 17.13 -1.75 -4.72
CA LEU B 143 16.47 -2.78 -3.95
C LEU B 143 14.98 -2.54 -3.76
N LYS B 144 14.52 -1.30 -3.55
CA LYS B 144 13.08 -1.13 -3.25
C LYS B 144 12.19 -1.59 -4.42
N THR B 145 12.65 -1.38 -5.67
CA THR B 145 11.91 -2.00 -6.81
C THR B 145 11.85 -3.52 -6.81
N ALA B 146 12.99 -4.18 -6.57
CA ALA B 146 13.01 -5.64 -6.46
C ALA B 146 12.06 -6.12 -5.38
N VAL B 147 12.02 -5.43 -4.23
CA VAL B 147 11.12 -5.90 -3.08
C VAL B 147 9.63 -5.77 -3.52
N GLN B 148 9.28 -4.71 -4.27
CA GLN B 148 7.87 -4.53 -4.69
C GLN B 148 7.51 -5.54 -5.79
N MET B 149 8.51 -5.91 -6.62
CA MET B 149 8.36 -7.00 -7.58
C MET B 149 8.12 -8.29 -6.82
N ALA B 150 8.87 -8.50 -5.71
CA ALA B 150 8.64 -9.73 -4.90
C ALA B 150 7.29 -9.76 -4.18
N VAL B 151 6.85 -8.62 -3.63
CA VAL B 151 5.50 -8.54 -3.08
C VAL B 151 4.45 -8.95 -4.19
N PHE B 152 4.61 -8.41 -5.41
CA PHE B 152 3.64 -8.63 -6.45
C PHE B 152 3.56 -10.16 -6.71
N ILE B 153 4.71 -10.80 -6.90
CA ILE B 153 4.75 -12.24 -7.30
C ILE B 153 4.26 -13.08 -6.15
N HIS B 154 4.70 -12.79 -4.93
CA HIS B 154 4.13 -13.53 -3.76
C HIS B 154 2.58 -13.44 -3.66
N ASN B 155 2.01 -12.24 -3.78
CA ASN B 155 0.53 -12.08 -3.62
C ASN B 155 -0.28 -12.63 -4.78
N HIS B 156 0.34 -12.73 -5.98
CA HIS B 156 -0.41 -13.29 -7.15
C HIS B 156 -0.23 -14.83 -7.34
N LYS B 157 0.73 -15.39 -6.63
CA LYS B 157 1.06 -16.83 -6.78
C LYS B 157 -0.10 -17.75 -6.39
N ARG B 158 -0.55 -18.59 -7.32
CA ARG B 158 -1.61 -19.53 -6.99
C ARG B 158 -0.99 -20.76 -6.34
N LYS B 159 -1.49 -21.12 -5.17
CA LYS B 159 -0.94 -22.24 -4.40
C LYS B 159 -1.95 -23.38 -4.35
N GLY B 164 -6.91 -23.80 -7.07
CA GLY B 164 -6.02 -23.06 -6.16
C GLY B 164 -6.08 -21.54 -6.24
N TYR B 165 -6.15 -20.89 -5.08
CA TYR B 165 -6.29 -19.41 -5.03
C TYR B 165 -4.96 -18.71 -4.66
N SER B 166 -4.83 -17.42 -4.99
CA SER B 166 -3.68 -16.65 -4.57
C SER B 166 -3.92 -16.06 -3.17
N ALA B 167 -2.84 -15.55 -2.53
CA ALA B 167 -3.02 -14.79 -1.27
C ALA B 167 -3.87 -13.54 -1.46
N GLY B 168 -3.70 -12.82 -2.60
CA GLY B 168 -4.55 -11.65 -2.94
C GLY B 168 -6.04 -11.94 -3.03
N GLU B 169 -6.37 -13.07 -3.64
CA GLU B 169 -7.77 -13.61 -3.63
C GLU B 169 -8.27 -13.97 -2.25
N ARG B 170 -7.43 -14.65 -1.49
CA ARG B 170 -7.86 -15.11 -0.19
C ARG B 170 -8.18 -13.92 0.70
N ILE B 171 -7.35 -12.85 0.68
CA ILE B 171 -7.59 -11.76 1.71
C ILE B 171 -8.92 -11.07 1.40
N VAL B 172 -9.19 -10.79 0.12
CA VAL B 172 -10.48 -10.16 -0.32
C VAL B 172 -11.72 -11.03 0.04
N ASP B 173 -11.64 -12.33 -0.24
CA ASP B 173 -12.69 -13.28 0.12
CA ASP B 173 -12.71 -13.25 0.10
C ASP B 173 -12.95 -13.32 1.64
N ILE B 174 -11.88 -13.41 2.41
CA ILE B 174 -11.98 -13.48 3.87
C ILE B 174 -12.60 -12.20 4.40
N ILE B 175 -12.11 -11.05 3.95
CA ILE B 175 -12.69 -9.81 4.46
C ILE B 175 -14.12 -9.58 3.96
N ALA B 176 -14.44 -9.93 2.68
CA ALA B 176 -15.83 -9.71 2.19
C ALA B 176 -16.82 -10.59 2.95
N THR B 177 -16.41 -11.80 3.26
CA THR B 177 -17.24 -12.76 3.97
C THR B 177 -17.60 -12.17 5.32
N ASP B 178 -16.60 -11.58 5.96
CA ASP B 178 -16.75 -10.94 7.22
C ASP B 178 -17.60 -9.61 7.17
N ILE B 179 -17.47 -8.83 6.11
CA ILE B 179 -18.32 -7.64 5.99
C ILE B 179 -19.80 -8.04 5.85
N GLN B 180 -20.08 -9.08 5.10
CA GLN B 180 -21.47 -9.47 4.74
C GLN B 180 -22.36 -9.88 5.94
N SER C 1 20.22 2.64 -17.92
CA SER C 1 21.21 1.65 -17.50
C SER C 1 20.64 0.23 -17.57
N HIS C 2 19.71 0.04 -18.49
CA HIS C 2 18.97 -1.22 -18.72
C HIS C 2 18.29 -1.90 -17.52
N LYS C 3 17.51 -1.15 -16.74
CA LYS C 3 16.73 -1.74 -15.64
C LYS C 3 15.30 -1.23 -15.73
N ILE C 4 14.29 -1.93 -15.20
CA ILE C 4 12.91 -1.35 -15.23
C ILE C 4 12.88 0.07 -14.62
N ASP C 5 13.69 0.30 -13.58
CA ASP C 5 13.55 1.53 -12.79
C ASP C 5 14.58 2.52 -13.23
N ASN C 6 15.45 2.12 -14.18
CA ASN C 6 16.42 3.02 -14.81
C ASN C 6 16.70 2.46 -16.21
N LEU C 7 15.91 2.92 -17.19
CA LEU C 7 15.87 2.30 -18.51
C LEU C 7 17.18 2.59 -19.23
N ASP C 8 17.79 3.74 -18.88
CA ASP C 8 19.10 4.18 -19.40
C ASP C 8 20.22 3.18 -19.14
N SER D 1 7.98 16.77 19.86
CA SER D 1 7.33 18.04 19.65
C SER D 1 5.79 18.05 19.79
N HIS D 2 5.19 16.92 20.16
CA HIS D 2 3.72 16.81 20.32
C HIS D 2 3.05 16.69 18.93
N LYS D 3 3.76 16.02 18.01
CA LYS D 3 3.18 15.52 16.75
C LYS D 3 3.16 14.01 16.75
N ILE D 4 2.16 13.37 16.12
CA ILE D 4 2.12 11.88 16.07
C ILE D 4 3.45 11.30 15.54
N ASP D 5 4.05 12.02 14.58
CA ASP D 5 5.22 11.51 13.88
C ASP D 5 6.48 12.09 14.48
N ASN D 6 6.35 12.94 15.49
CA ASN D 6 7.54 13.43 16.22
C ASN D 6 7.01 13.81 17.58
N LEU D 7 6.96 12.82 18.47
CA LEU D 7 6.29 12.94 19.77
C LEU D 7 7.02 14.01 20.59
N ASP D 8 8.35 14.06 20.41
CA ASP D 8 9.21 15.08 21.06
C ASP D 8 8.61 16.48 21.00
S SO4 E . -4.21 21.18 -8.14
O1 SO4 E . -4.54 22.48 -8.72
O2 SO4 E . -3.42 21.42 -6.95
O3 SO4 E . -5.51 20.47 -7.93
O4 SO4 E . -3.29 20.47 -9.04
S SO4 F . 7.78 17.91 5.16
O1 SO4 F . 6.40 18.37 5.20
O2 SO4 F . 8.34 18.63 4.03
O3 SO4 F . 8.50 18.18 6.39
O4 SO4 F . 7.91 16.49 4.87
S SO4 G . 10.72 8.45 -19.64
O1 SO4 G . 10.19 8.48 -21.06
O2 SO4 G . 10.00 8.91 -18.43
O3 SO4 G . 10.89 7.03 -19.40
O4 SO4 G . 11.91 9.25 -19.65
S SO4 H . 1.14 3.00 -2.26
O1 SO4 H . 0.71 2.55 -3.66
O2 SO4 H . 0.16 3.98 -1.76
O3 SO4 H . 1.17 1.81 -1.35
O4 SO4 H . 2.39 3.69 -2.26
CL CL I . 5.61 18.42 -10.75
S SO4 J . 17.17 -12.12 8.81
O1 SO4 J . 17.76 -11.34 7.73
O2 SO4 J . 16.70 -11.14 9.78
O3 SO4 J . 16.09 -13.02 8.38
O4 SO4 J . 18.20 -12.94 9.45
S SO4 K . 19.71 0.94 -3.64
O1 SO4 K . 20.26 1.48 -4.88
O2 SO4 K . 18.42 1.59 -3.40
O3 SO4 K . 19.60 -0.51 -3.68
O4 SO4 K . 20.55 1.25 -2.50
S SO4 L . 10.06 5.85 20.71
O1 SO4 L . 8.80 6.50 20.37
O2 SO4 L . 11.22 6.70 20.77
O3 SO4 L . 9.81 5.32 22.09
O4 SO4 L . 10.28 4.99 19.52
S SO4 M . 2.90 0.01 2.42
O1 SO4 M . 1.95 0.55 1.40
O2 SO4 M . 2.20 -0.23 3.75
O3 SO4 M . 3.45 -1.26 1.99
O4 SO4 M . 4.00 0.92 2.55
CL CL N . 18.04 -2.01 12.10
C ACY O . -2.91 -8.92 -5.80
O ACY O . -3.91 -9.34 -6.43
OXT ACY O . -2.03 -8.19 -6.32
CH3 ACY O . -2.73 -9.19 -4.33
C ACY P . -10.23 0.39 5.15
O ACY P . -10.57 -0.76 5.44
OXT ACY P . -9.05 0.76 4.93
CH3 ACY P . -11.34 1.36 5.09
#